data_1K1S
#
_entry.id   1K1S
#
_cell.length_a   113.040
_cell.length_b   113.040
_cell.length_c   62.580
_cell.angle_alpha   90.00
_cell.angle_beta   90.00
_cell.angle_gamma   120.00
#
_symmetry.space_group_name_H-M   'P 62'
#
loop_
_entity.id
_entity.type
_entity.pdbx_description
1 polymer 'DBH protein'
2 water water
#
_entity_poly.entity_id   1
_entity_poly.type   'polypeptide(L)'
_entity_poly.pdbx_seq_one_letter_code
;MIVIFVDFDYFFAQVEEVLNPQYKGKPLVVSVYSGRTKTSGAVATANYEARKLGVKAGMPIIKAMQIAPSAIYVPMRKPI
YEAFSNRIMNLLNKHADKIEVASIDEAYLDVTNKVEGNFENGIELARKIKQEILEKEKITVTVGVAPNKILAKIIADKSK
PNGLGVIRPTEVQDFLNELDIDEIPGIGSVLARRLNELGIQKLRDILSKNYNELEKITGKAKALYLLKLAQNKYSEPVEN
KSKIPHGRYLTLPYNTRDVKVILPYLKKAINEAYNKVNGIPMRITVIAIMEDLDILSKGKKFKHGISIDNAYKVAEDLLR
ELLVRDKRRNVRRIGVKLDNIIINKTNLSDFFDI
;
_entity_poly.pdbx_strand_id   A
#
# COMPACT_ATOMS: atom_id res chain seq x y z
N MET A 1 18.04 7.86 -13.63
CA MET A 1 16.87 7.00 -13.28
C MET A 1 15.57 7.80 -13.37
N ILE A 2 14.58 7.24 -14.06
CA ILE A 2 13.29 7.90 -14.23
C ILE A 2 12.22 7.05 -13.56
N VAL A 3 11.59 7.60 -12.52
CA VAL A 3 10.54 6.88 -11.82
C VAL A 3 9.18 7.52 -12.04
N ILE A 4 8.18 6.69 -12.27
CA ILE A 4 6.81 7.17 -12.48
C ILE A 4 5.95 6.57 -11.38
N PHE A 5 5.29 7.44 -10.62
CA PHE A 5 4.42 6.99 -9.54
C PHE A 5 2.98 7.20 -9.97
N VAL A 6 2.19 6.14 -9.88
CA VAL A 6 0.79 6.22 -10.26
C VAL A 6 -0.09 5.91 -9.05
N ASP A 7 -1.00 6.82 -8.74
CA ASP A 7 -1.90 6.65 -7.60
C ASP A 7 -3.35 6.85 -8.03
N PHE A 8 -4.17 5.82 -7.83
CA PHE A 8 -5.58 5.86 -8.19
C PHE A 8 -6.33 6.82 -7.27
N ASP A 9 -6.94 7.85 -7.85
CA ASP A 9 -7.68 8.86 -7.09
C ASP A 9 -8.87 8.25 -6.35
N TYR A 10 -8.86 8.34 -5.03
CA TYR A 10 -9.92 7.80 -4.17
C TYR A 10 -10.55 6.56 -4.80
N PHE A 11 -9.68 5.68 -5.29
CA PHE A 11 -10.04 4.44 -5.96
C PHE A 11 -11.39 3.79 -5.65
N PHE A 12 -11.52 3.20 -4.46
CA PHE A 12 -12.77 2.52 -4.09
C PHE A 12 -14.03 3.33 -4.36
N ALA A 13 -13.97 4.64 -4.10
CA ALA A 13 -15.10 5.50 -4.31
C ALA A 13 -15.31 5.83 -5.78
N GLN A 14 -14.21 5.98 -6.51
CA GLN A 14 -14.27 6.31 -7.92
C GLN A 14 -14.81 5.17 -8.77
N VAL A 15 -14.62 3.93 -8.31
CA VAL A 15 -15.11 2.78 -9.05
C VAL A 15 -16.63 2.73 -8.94
N GLU A 16 -17.14 2.94 -7.73
CA GLU A 16 -18.57 2.92 -7.49
C GLU A 16 -19.27 4.00 -8.35
N GLU A 17 -18.54 5.05 -8.69
CA GLU A 17 -19.09 6.12 -9.51
C GLU A 17 -19.07 5.68 -10.97
N VAL A 18 -18.14 4.79 -11.30
CA VAL A 18 -18.02 4.27 -12.66
C VAL A 18 -19.12 3.25 -12.90
N LEU A 19 -19.59 2.65 -11.81
CA LEU A 19 -20.65 1.64 -11.89
C LEU A 19 -22.01 2.27 -11.60
N ASN A 20 -21.99 3.53 -11.18
CA ASN A 20 -23.21 4.27 -10.87
C ASN A 20 -23.01 5.74 -11.26
N PRO A 21 -22.97 6.02 -12.57
CA PRO A 21 -22.78 7.39 -13.07
C PRO A 21 -23.61 8.44 -12.36
N GLN A 22 -24.84 8.08 -11.97
CA GLN A 22 -25.71 9.02 -11.28
C GLN A 22 -25.05 9.57 -10.03
N TYR A 23 -24.28 8.73 -9.34
CA TYR A 23 -23.59 9.13 -8.12
C TYR A 23 -22.52 10.17 -8.41
N LYS A 24 -21.95 10.10 -9.62
CA LYS A 24 -20.92 11.05 -10.03
C LYS A 24 -21.35 12.48 -9.75
N GLY A 25 -20.65 13.14 -8.83
CA GLY A 25 -20.99 14.50 -8.49
C GLY A 25 -21.43 14.67 -7.05
N LYS A 26 -22.16 13.67 -6.55
CA LYS A 26 -22.65 13.70 -5.17
C LYS A 26 -21.62 13.13 -4.21
N PRO A 27 -21.70 13.50 -2.92
CA PRO A 27 -20.79 13.04 -1.86
C PRO A 27 -20.86 11.53 -1.61
N LEU A 28 -20.11 10.76 -2.39
CA LEU A 28 -20.08 9.31 -2.24
C LEU A 28 -19.10 8.90 -1.15
N VAL A 29 -19.46 7.89 -0.37
CA VAL A 29 -18.60 7.42 0.71
C VAL A 29 -18.62 5.90 0.85
N VAL A 30 -17.54 5.25 0.43
CA VAL A 30 -17.44 3.80 0.53
C VAL A 30 -17.30 3.43 2.01
N SER A 31 -18.24 2.62 2.50
CA SER A 31 -18.27 2.20 3.89
C SER A 31 -17.67 0.83 4.12
N VAL A 32 -17.40 0.49 5.38
CA VAL A 32 -16.84 -0.81 5.74
C VAL A 32 -17.32 -1.22 7.13
N TYR A 33 -18.52 -1.79 7.19
CA TYR A 33 -19.10 -2.22 8.46
C TYR A 33 -19.49 -3.70 8.41
N SER A 34 -19.97 -4.22 9.54
CA SER A 34 -20.39 -5.61 9.64
C SER A 34 -21.06 -5.90 10.97
N GLY A 35 -21.16 -7.18 11.32
CA GLY A 35 -21.79 -7.56 12.57
C GLY A 35 -22.43 -8.94 12.50
N THR A 39 -25.09 -1.33 14.77
CA THR A 39 -24.15 -1.57 13.68
C THR A 39 -22.71 -1.43 14.19
N SER A 40 -21.77 -1.18 13.28
CA SER A 40 -20.36 -1.02 13.62
C SER A 40 -19.52 -0.97 12.35
N GLY A 41 -18.89 0.17 12.10
CA GLY A 41 -18.07 0.30 10.90
C GLY A 41 -17.29 1.61 10.81
N ALA A 42 -16.85 1.95 9.61
CA ALA A 42 -16.08 3.17 9.40
C ALA A 42 -15.94 3.53 7.92
N VAL A 43 -15.46 4.73 7.66
CA VAL A 43 -15.27 5.21 6.29
C VAL A 43 -13.99 4.66 5.69
N ALA A 44 -14.11 3.98 4.55
CA ALA A 44 -12.97 3.41 3.87
C ALA A 44 -12.44 4.40 2.84
N THR A 45 -13.34 4.89 2.00
CA THR A 45 -12.99 5.85 0.96
C THR A 45 -14.16 6.81 0.76
N ALA A 46 -13.87 7.95 0.13
CA ALA A 46 -14.89 8.96 -0.13
C ALA A 46 -14.32 9.94 -1.15
N ASN A 47 -15.11 10.24 -2.17
CA ASN A 47 -14.65 11.19 -3.20
C ASN A 47 -14.47 12.55 -2.55
N TYR A 48 -14.00 13.53 -3.32
CA TYR A 48 -13.78 14.88 -2.80
C TYR A 48 -15.07 15.61 -2.47
N GLU A 49 -16.11 15.38 -3.27
CA GLU A 49 -17.40 16.01 -3.03
C GLU A 49 -17.91 15.63 -1.65
N ALA A 50 -17.20 14.71 -1.00
CA ALA A 50 -17.56 14.25 0.33
C ALA A 50 -16.43 14.55 1.31
N ARG A 51 -15.22 14.72 0.77
CA ARG A 51 -14.06 15.02 1.60
C ARG A 51 -14.16 16.43 2.16
N LYS A 52 -14.58 17.37 1.31
CA LYS A 52 -14.72 18.76 1.74
C LYS A 52 -15.69 18.90 2.90
N LEU A 53 -16.77 18.12 2.86
CA LEU A 53 -17.77 18.16 3.91
C LEU A 53 -17.22 17.61 5.23
N GLY A 54 -15.92 17.35 5.25
CA GLY A 54 -15.27 16.85 6.45
C GLY A 54 -15.26 15.34 6.63
N VAL A 55 -15.33 14.60 5.52
CA VAL A 55 -15.34 13.14 5.59
C VAL A 55 -14.02 12.54 5.11
N LYS A 56 -13.42 11.69 5.95
CA LYS A 56 -12.15 11.05 5.62
C LYS A 56 -12.11 9.59 6.08
N ALA A 57 -11.07 8.88 5.65
CA ALA A 57 -10.90 7.47 6.00
C ALA A 57 -10.55 7.29 7.47
N GLY A 58 -11.06 6.21 8.07
CA GLY A 58 -10.80 5.93 9.46
C GLY A 58 -11.90 6.51 10.35
N MET A 59 -12.61 7.48 9.82
CA MET A 59 -13.69 8.15 10.52
C MET A 59 -14.91 7.24 10.65
N PRO A 60 -15.38 7.03 11.89
CA PRO A 60 -16.55 6.18 12.15
C PRO A 60 -17.74 6.60 11.30
N ILE A 61 -18.44 5.62 10.75
CA ILE A 61 -19.60 5.88 9.89
C ILE A 61 -20.51 6.93 10.53
N ILE A 62 -20.80 6.75 11.81
CA ILE A 62 -21.67 7.67 12.54
C ILE A 62 -21.21 9.12 12.43
N LYS A 63 -19.97 9.38 12.82
CA LYS A 63 -19.41 10.73 12.76
C LYS A 63 -19.55 11.32 11.36
N ALA A 64 -19.37 10.47 10.35
CA ALA A 64 -19.47 10.90 8.95
C ALA A 64 -20.93 11.18 8.60
N MET A 65 -21.82 10.31 9.05
CA MET A 65 -23.23 10.48 8.77
C MET A 65 -23.72 11.76 9.42
N GLN A 66 -23.15 12.08 10.58
CA GLN A 66 -23.53 13.27 11.32
C GLN A 66 -22.96 14.55 10.72
N ILE A 67 -22.11 14.40 9.70
CA ILE A 67 -21.50 15.55 9.05
C ILE A 67 -21.73 15.52 7.54
N ALA A 68 -22.34 14.43 7.06
CA ALA A 68 -22.62 14.27 5.64
C ALA A 68 -23.91 13.47 5.43
N PRO A 69 -25.04 13.99 5.93
CA PRO A 69 -26.34 13.33 5.80
C PRO A 69 -26.77 13.11 4.34
N SER A 70 -26.53 14.11 3.50
CA SER A 70 -26.90 14.02 2.10
C SER A 70 -25.94 13.12 1.32
N ALA A 71 -24.87 12.69 1.96
CA ALA A 71 -23.87 11.83 1.34
C ALA A 71 -24.42 10.45 1.00
N ILE A 72 -24.04 9.94 -0.16
CA ILE A 72 -24.48 8.63 -0.62
C ILE A 72 -23.54 7.56 -0.07
N TYR A 73 -24.05 6.72 0.84
CA TYR A 73 -23.23 5.67 1.43
C TYR A 73 -23.47 4.33 0.74
N VAL A 74 -22.38 3.65 0.39
CA VAL A 74 -22.46 2.35 -0.27
C VAL A 74 -21.51 1.36 0.40
N PRO A 75 -21.97 0.11 0.60
CA PRO A 75 -21.12 -0.90 1.24
C PRO A 75 -19.86 -1.13 0.41
N MET A 76 -18.91 -1.87 0.97
CA MET A 76 -17.67 -2.12 0.24
C MET A 76 -17.70 -3.46 -0.49
N ARG A 77 -17.40 -3.42 -1.78
CA ARG A 77 -17.35 -4.60 -2.61
C ARG A 77 -15.93 -4.69 -3.15
N LYS A 78 -15.01 -5.11 -2.28
CA LYS A 78 -13.59 -5.20 -2.64
C LYS A 78 -13.27 -6.05 -3.85
N PRO A 79 -14.02 -7.16 -4.07
CA PRO A 79 -13.72 -8.00 -5.24
C PRO A 79 -13.76 -7.19 -6.55
N ILE A 80 -14.59 -6.15 -6.58
CA ILE A 80 -14.70 -5.31 -7.76
C ILE A 80 -13.47 -4.42 -7.89
N TYR A 81 -13.05 -3.83 -6.77
CA TYR A 81 -11.87 -2.95 -6.75
C TYR A 81 -10.66 -3.77 -7.13
N GLU A 82 -10.58 -4.98 -6.59
CA GLU A 82 -9.47 -5.88 -6.88
C GLU A 82 -9.39 -6.12 -8.38
N ALA A 83 -10.54 -6.40 -8.98
CA ALA A 83 -10.62 -6.64 -10.41
C ALA A 83 -10.01 -5.47 -11.18
N PHE A 84 -10.53 -4.27 -10.93
CA PHE A 84 -10.04 -3.06 -11.58
C PHE A 84 -8.54 -2.88 -11.35
N SER A 85 -8.13 -3.08 -10.10
CA SER A 85 -6.73 -2.95 -9.73
C SER A 85 -5.83 -3.85 -10.58
N ASN A 86 -6.19 -5.13 -10.67
CA ASN A 86 -5.42 -6.09 -11.46
C ASN A 86 -5.30 -5.63 -12.91
N ARG A 87 -6.42 -5.20 -13.48
CA ARG A 87 -6.48 -4.75 -14.86
C ARG A 87 -5.53 -3.59 -15.13
N ILE A 88 -5.51 -2.61 -14.22
CA ILE A 88 -4.64 -1.45 -14.40
C ILE A 88 -3.17 -1.77 -14.14
N MET A 89 -2.91 -2.52 -13.08
CA MET A 89 -1.52 -2.88 -12.73
C MET A 89 -0.81 -3.62 -13.86
N ASN A 90 -1.53 -4.53 -14.52
CA ASN A 90 -0.96 -5.29 -15.62
C ASN A 90 -0.82 -4.40 -16.84
N LEU A 91 -1.64 -3.36 -16.89
CA LEU A 91 -1.59 -2.41 -18.00
C LEU A 91 -0.33 -1.56 -17.81
N LEU A 92 0.03 -1.33 -16.55
CA LEU A 92 1.21 -0.54 -16.19
C LEU A 92 2.48 -1.34 -16.36
N ASN A 93 2.37 -2.64 -16.14
CA ASN A 93 3.49 -3.56 -16.24
C ASN A 93 4.20 -3.55 -17.59
N LYS A 94 3.45 -3.33 -18.66
CA LYS A 94 4.03 -3.33 -19.99
C LYS A 94 4.73 -2.01 -20.33
N HIS A 95 4.50 -0.99 -19.51
CA HIS A 95 5.11 0.31 -19.76
C HIS A 95 6.42 0.56 -19.01
N ALA A 96 6.88 -0.41 -18.23
CA ALA A 96 8.11 -0.21 -17.48
C ALA A 96 9.04 -1.40 -17.39
N ASP A 97 10.31 -1.13 -17.09
CA ASP A 97 11.34 -2.15 -16.96
C ASP A 97 11.12 -2.89 -15.64
N LYS A 98 10.70 -2.16 -14.63
CA LYS A 98 10.45 -2.72 -13.30
C LYS A 98 9.20 -2.06 -12.75
N ILE A 99 8.36 -2.85 -12.07
CA ILE A 99 7.14 -2.31 -11.49
C ILE A 99 7.01 -2.78 -10.05
N GLU A 100 6.70 -1.84 -9.16
CA GLU A 100 6.56 -2.15 -7.73
C GLU A 100 5.16 -1.81 -7.23
N VAL A 101 4.32 -2.83 -7.13
CA VAL A 101 2.96 -2.63 -6.66
C VAL A 101 2.95 -2.40 -5.15
N ALA A 102 2.84 -1.13 -4.76
CA ALA A 102 2.83 -0.76 -3.35
C ALA A 102 1.56 -1.19 -2.65
N SER A 103 0.42 -1.00 -3.32
CA SER A 103 -0.87 -1.38 -2.76
C SER A 103 -1.88 -1.58 -3.86
N ILE A 104 -3.15 -1.69 -3.49
CA ILE A 104 -4.22 -1.91 -4.45
C ILE A 104 -4.45 -0.66 -5.31
N ASP A 105 -3.78 0.43 -4.96
CA ASP A 105 -3.93 1.67 -5.71
C ASP A 105 -2.66 2.52 -5.78
N GLU A 106 -1.50 1.90 -5.56
CA GLU A 106 -0.22 2.61 -5.62
C GLU A 106 0.82 1.75 -6.32
N ALA A 107 1.61 2.36 -7.20
CA ALA A 107 2.64 1.63 -7.93
C ALA A 107 3.79 2.53 -8.36
N TYR A 108 4.96 1.94 -8.51
CA TYR A 108 6.16 2.66 -8.93
C TYR A 108 6.69 2.00 -10.20
N LEU A 109 7.15 2.83 -11.13
CA LEU A 109 7.68 2.32 -12.38
C LEU A 109 9.02 2.93 -12.70
N ASP A 110 9.97 2.09 -13.10
CA ASP A 110 11.29 2.54 -13.50
C ASP A 110 11.24 2.45 -15.00
N VAL A 111 11.33 3.58 -15.68
CA VAL A 111 11.27 3.61 -17.13
C VAL A 111 12.55 4.17 -17.75
N THR A 112 13.63 4.15 -16.98
CA THR A 112 14.91 4.67 -17.44
C THR A 112 15.37 4.02 -18.75
N ASN A 113 14.83 2.86 -19.08
CA ASN A 113 15.21 2.16 -20.30
C ASN A 113 14.20 2.31 -21.43
N LYS A 114 12.91 2.26 -21.10
CA LYS A 114 11.88 2.42 -22.12
C LYS A 114 11.95 3.81 -22.74
N VAL A 115 12.54 4.75 -22.01
CA VAL A 115 12.67 6.12 -22.50
C VAL A 115 14.14 6.46 -22.79
N GLU A 116 14.95 5.42 -22.96
CA GLU A 116 16.37 5.57 -23.27
C GLU A 116 17.12 6.56 -22.37
N GLY A 117 16.61 6.75 -21.15
CA GLY A 117 17.25 7.66 -20.22
C GLY A 117 16.88 9.13 -20.41
N ASN A 118 15.91 9.39 -21.29
CA ASN A 118 15.46 10.76 -21.55
C ASN A 118 14.32 11.15 -20.60
N PHE A 119 14.65 11.96 -19.60
CA PHE A 119 13.66 12.39 -18.60
C PHE A 119 12.45 13.12 -19.17
N GLU A 120 12.61 13.77 -20.32
CA GLU A 120 11.50 14.49 -20.91
C GLU A 120 10.46 13.53 -21.51
N ASN A 121 10.94 12.37 -21.97
CA ASN A 121 10.06 11.36 -22.54
C ASN A 121 9.33 10.57 -21.46
N GLY A 122 9.86 10.62 -20.25
CA GLY A 122 9.24 9.91 -19.15
C GLY A 122 7.95 10.63 -18.81
N ILE A 123 7.94 11.94 -19.04
CA ILE A 123 6.76 12.76 -18.78
C ILE A 123 5.77 12.50 -19.88
N GLU A 124 6.29 12.28 -21.09
CA GLU A 124 5.47 11.99 -22.27
C GLU A 124 4.77 10.66 -22.05
N LEU A 125 5.53 9.68 -21.56
CA LEU A 125 4.99 8.35 -21.30
C LEU A 125 3.95 8.41 -20.18
N ALA A 126 4.29 9.10 -19.09
CA ALA A 126 3.40 9.24 -17.95
C ALA A 126 2.11 9.95 -18.38
N ARG A 127 2.15 10.59 -19.53
CA ARG A 127 0.99 11.29 -20.07
C ARG A 127 0.14 10.24 -20.78
N LYS A 128 0.80 9.40 -21.57
CA LYS A 128 0.13 8.33 -22.30
C LYS A 128 -0.45 7.30 -21.34
N ILE A 129 0.25 7.05 -20.24
CA ILE A 129 -0.19 6.10 -19.23
C ILE A 129 -1.48 6.61 -18.61
N LYS A 130 -1.43 7.85 -18.12
CA LYS A 130 -2.57 8.50 -17.48
C LYS A 130 -3.77 8.50 -18.43
N GLN A 131 -3.48 8.62 -19.73
CA GLN A 131 -4.51 8.64 -20.76
C GLN A 131 -5.13 7.26 -20.98
N GLU A 132 -4.29 6.27 -21.26
CA GLU A 132 -4.76 4.91 -21.50
C GLU A 132 -5.63 4.38 -20.38
N ILE A 133 -5.18 4.52 -19.14
CA ILE A 133 -5.95 4.04 -18.00
C ILE A 133 -7.35 4.64 -18.04
N LEU A 134 -7.43 5.94 -18.36
CA LEU A 134 -8.69 6.64 -18.44
C LEU A 134 -9.56 6.12 -19.58
N GLU A 135 -8.92 5.66 -20.65
CA GLU A 135 -9.64 5.15 -21.80
C GLU A 135 -10.16 3.74 -21.58
N LYS A 136 -9.25 2.80 -21.33
CA LYS A 136 -9.60 1.41 -21.13
C LYS A 136 -10.36 1.10 -19.84
N GLU A 137 -10.14 1.91 -18.80
CA GLU A 137 -10.82 1.65 -17.52
C GLU A 137 -11.75 2.76 -17.02
N LYS A 138 -11.71 3.92 -17.64
CA LYS A 138 -12.56 5.04 -17.22
C LYS A 138 -12.23 5.41 -15.78
N ILE A 139 -10.95 5.61 -15.50
CA ILE A 139 -10.53 5.98 -14.15
C ILE A 139 -9.41 7.00 -14.15
N THR A 140 -9.53 7.99 -13.28
CA THR A 140 -8.53 9.04 -13.17
C THR A 140 -7.46 8.62 -12.17
N VAL A 141 -6.22 8.85 -12.56
CA VAL A 141 -5.08 8.52 -11.71
C VAL A 141 -4.16 9.72 -11.68
N THR A 142 -3.51 9.94 -10.54
CA THR A 142 -2.59 11.05 -10.41
C THR A 142 -1.20 10.46 -10.59
N VAL A 143 -0.37 11.11 -11.41
CA VAL A 143 0.97 10.59 -11.66
C VAL A 143 2.07 11.55 -11.23
N GLY A 144 3.20 10.99 -10.81
CA GLY A 144 4.33 11.79 -10.40
C GLY A 144 5.56 11.31 -11.14
N VAL A 145 6.31 12.23 -11.72
CA VAL A 145 7.51 11.87 -12.47
C VAL A 145 8.74 12.57 -11.89
N ALA A 146 9.64 11.79 -11.31
CA ALA A 146 10.86 12.33 -10.70
C ALA A 146 11.98 11.30 -10.71
N PRO A 147 13.21 11.72 -10.34
CA PRO A 147 14.36 10.82 -10.30
C PRO A 147 14.21 9.59 -9.40
N ASN A 148 13.50 9.73 -8.28
CA ASN A 148 13.30 8.60 -7.39
C ASN A 148 11.87 8.44 -6.93
N LYS A 149 11.62 7.36 -6.20
CA LYS A 149 10.30 7.03 -5.70
C LYS A 149 9.69 8.07 -4.77
N ILE A 150 10.41 8.41 -3.72
CA ILE A 150 9.93 9.37 -2.73
C ILE A 150 9.52 10.70 -3.37
N LEU A 151 10.32 11.17 -4.32
CA LEU A 151 10.03 12.42 -5.00
C LEU A 151 8.81 12.25 -5.90
N ALA A 152 8.72 11.09 -6.55
CA ALA A 152 7.62 10.78 -7.44
C ALA A 152 6.30 10.78 -6.66
N LYS A 153 6.32 10.14 -5.50
CA LYS A 153 5.15 10.06 -4.64
C LYS A 153 4.76 11.41 -4.03
N ILE A 154 5.76 12.15 -3.55
CA ILE A 154 5.53 13.46 -2.93
C ILE A 154 4.91 14.43 -3.92
N ILE A 155 5.51 14.55 -5.09
CA ILE A 155 5.01 15.47 -6.10
C ILE A 155 3.63 15.02 -6.55
N ALA A 156 3.37 13.71 -6.48
CA ALA A 156 2.09 13.16 -6.87
C ALA A 156 0.98 13.60 -5.92
N ASP A 157 1.27 13.67 -4.64
CA ASP A 157 0.28 14.09 -3.66
C ASP A 157 -0.07 15.55 -3.86
N LYS A 158 0.96 16.37 -3.99
CA LYS A 158 0.78 17.80 -4.20
C LYS A 158 0.11 18.06 -5.55
N SER A 159 -0.21 16.98 -6.28
CA SER A 159 -0.82 17.13 -7.59
C SER A 159 -2.18 16.48 -7.78
N LYS A 160 -2.58 15.58 -6.87
CA LYS A 160 -3.88 14.95 -7.01
C LYS A 160 -5.01 15.83 -6.48
N PRO A 161 -6.25 15.58 -6.93
CA PRO A 161 -6.66 14.55 -7.89
C PRO A 161 -6.41 14.87 -9.36
N ASN A 162 -6.32 13.81 -10.17
CA ASN A 162 -6.12 13.92 -11.61
C ASN A 162 -4.85 14.66 -12.01
N GLY A 163 -4.02 15.00 -11.03
CA GLY A 163 -2.80 15.73 -11.34
C GLY A 163 -1.71 14.97 -12.06
N LEU A 164 -0.61 15.66 -12.33
CA LEU A 164 0.54 15.08 -13.01
C LEU A 164 1.79 15.81 -12.52
N GLY A 165 2.22 15.48 -11.30
CA GLY A 165 3.40 16.12 -10.74
C GLY A 165 4.68 15.78 -11.47
N VAL A 166 5.60 16.73 -11.55
CA VAL A 166 6.87 16.52 -12.23
C VAL A 166 8.01 17.23 -11.51
N ILE A 167 9.15 16.54 -11.40
CA ILE A 167 10.32 17.10 -10.77
C ILE A 167 11.52 16.68 -11.58
N ARG A 168 12.01 17.57 -12.44
CA ARG A 168 13.15 17.27 -13.28
C ARG A 168 14.42 17.16 -12.44
N PRO A 169 15.40 16.37 -12.91
CA PRO A 169 16.68 16.16 -12.22
C PRO A 169 17.35 17.45 -11.74
N THR A 170 17.14 18.53 -12.48
CA THR A 170 17.74 19.82 -12.14
C THR A 170 17.00 20.62 -11.07
N GLU A 171 15.68 20.43 -10.99
CA GLU A 171 14.89 21.15 -10.02
C GLU A 171 14.69 20.36 -8.73
N VAL A 172 15.49 19.31 -8.56
CA VAL A 172 15.41 18.45 -7.39
C VAL A 172 15.79 19.12 -6.07
N GLN A 173 17.09 19.29 -5.84
CA GLN A 173 17.58 19.90 -4.62
C GLN A 173 16.81 21.17 -4.24
N ASP A 174 16.27 21.86 -5.25
CA ASP A 174 15.49 23.06 -5.01
C ASP A 174 14.17 22.69 -4.35
N PHE A 175 13.45 21.78 -4.99
CA PHE A 175 12.16 21.30 -4.52
C PHE A 175 12.23 20.87 -3.05
N LEU A 176 13.26 20.10 -2.72
CA LEU A 176 13.42 19.62 -1.35
C LEU A 176 13.53 20.76 -0.34
N ASN A 177 14.20 21.83 -0.74
CA ASN A 177 14.35 22.98 0.14
C ASN A 177 12.99 23.53 0.58
N GLU A 178 12.24 24.06 -0.38
CA GLU A 178 10.94 24.64 -0.10
C GLU A 178 9.87 23.57 0.18
N LEU A 179 10.30 22.38 0.60
CA LEU A 179 9.37 21.30 0.91
C LEU A 179 8.96 21.34 2.38
N ASP A 180 7.66 21.47 2.62
CA ASP A 180 7.14 21.53 3.99
C ASP A 180 7.14 20.15 4.64
N ILE A 181 7.47 20.12 5.92
CA ILE A 181 7.51 18.88 6.68
C ILE A 181 6.17 18.14 6.56
N ASP A 182 5.08 18.91 6.55
CA ASP A 182 3.73 18.36 6.46
C ASP A 182 3.40 17.70 5.13
N GLU A 183 4.31 17.81 4.16
CA GLU A 183 4.08 17.22 2.85
C GLU A 183 4.88 15.93 2.69
N ILE A 184 5.67 15.60 3.71
CA ILE A 184 6.50 14.41 3.67
C ILE A 184 5.78 13.15 4.14
N PRO A 185 5.75 12.11 3.30
CA PRO A 185 5.10 10.83 3.61
C PRO A 185 5.88 10.08 4.70
N GLY A 186 5.15 9.43 5.61
CA GLY A 186 5.83 8.70 6.67
C GLY A 186 5.86 9.42 7.99
N ILE A 187 5.57 10.73 7.96
CA ILE A 187 5.55 11.53 9.17
C ILE A 187 4.10 11.67 9.60
N GLY A 188 3.84 11.42 10.88
CA GLY A 188 2.49 11.55 11.37
C GLY A 188 2.06 13.00 11.41
N SER A 189 0.77 13.26 11.26
CA SER A 189 0.26 14.62 11.30
C SER A 189 0.56 15.20 12.67
N VAL A 190 0.72 14.32 13.66
CA VAL A 190 1.01 14.73 15.02
C VAL A 190 2.47 15.12 15.18
N LEU A 191 3.36 14.30 14.64
CA LEU A 191 4.79 14.58 14.74
C LEU A 191 5.14 15.84 13.98
N ALA A 192 4.34 16.16 12.94
CA ALA A 192 4.59 17.36 12.14
C ALA A 192 4.22 18.61 12.93
N ARG A 193 3.07 18.57 13.62
CA ARG A 193 2.63 19.70 14.42
C ARG A 193 3.74 20.02 15.42
N ARG A 194 4.19 19.00 16.14
CA ARG A 194 5.24 19.18 17.13
C ARG A 194 6.49 19.77 16.50
N LEU A 195 6.84 19.28 15.31
CA LEU A 195 8.03 19.79 14.62
C LEU A 195 7.84 21.26 14.31
N ASN A 196 6.64 21.62 13.83
CA ASN A 196 6.33 23.01 13.52
C ASN A 196 6.41 23.86 14.79
N GLU A 197 6.02 23.28 15.91
CA GLU A 197 6.05 24.00 17.18
C GLU A 197 7.50 24.23 17.57
N LEU A 198 8.38 23.32 17.13
CA LEU A 198 9.79 23.41 17.45
C LEU A 198 10.62 24.22 16.45
N GLY A 199 9.96 24.79 15.44
CA GLY A 199 10.68 25.59 14.48
C GLY A 199 11.01 24.90 13.17
N ILE A 200 10.62 23.64 13.04
CA ILE A 200 10.88 22.90 11.81
C ILE A 200 9.68 23.09 10.87
N GLN A 201 9.83 23.99 9.91
CA GLN A 201 8.76 24.26 8.96
C GLN A 201 9.02 23.61 7.60
N LYS A 202 10.26 23.75 7.13
CA LYS A 202 10.66 23.19 5.85
C LYS A 202 11.61 22.03 6.10
N LEU A 203 11.75 21.16 5.11
CA LEU A 203 12.63 20.00 5.23
C LEU A 203 14.08 20.43 5.45
N ARG A 204 14.45 21.59 4.91
CA ARG A 204 15.82 22.08 5.06
C ARG A 204 16.13 22.50 6.50
N ASP A 205 15.11 22.86 7.26
CA ASP A 205 15.32 23.26 8.64
C ASP A 205 15.92 22.12 9.44
N ILE A 206 15.92 20.93 8.84
CA ILE A 206 16.48 19.75 9.48
C ILE A 206 18.00 19.82 9.44
N LEU A 207 18.53 20.44 8.40
CA LEU A 207 19.96 20.60 8.23
C LEU A 207 20.44 21.82 9.02
N SER A 208 19.81 22.04 10.16
CA SER A 208 20.14 23.16 11.03
C SER A 208 19.65 22.85 12.44
N LYS A 209 19.99 21.66 12.93
CA LYS A 209 19.59 21.23 14.27
C LYS A 209 20.28 19.94 14.67
N ASN A 210 20.77 19.88 15.90
CA ASN A 210 21.45 18.68 16.38
C ASN A 210 20.62 17.45 16.08
N TYR A 211 21.26 16.44 15.50
CA TYR A 211 20.60 15.20 15.13
C TYR A 211 19.99 14.49 16.34
N ASN A 212 20.73 14.45 17.45
CA ASN A 212 20.26 13.81 18.67
C ASN A 212 19.05 14.55 19.20
N GLU A 213 19.07 15.87 19.05
CA GLU A 213 17.98 16.71 19.50
C GLU A 213 16.77 16.48 18.61
N LEU A 214 17.01 15.90 17.44
CA LEU A 214 15.96 15.60 16.49
C LEU A 214 15.42 14.18 16.69
N GLU A 215 16.29 13.28 17.12
CA GLU A 215 15.89 11.90 17.36
C GLU A 215 14.97 11.72 18.55
N LYS A 216 15.23 12.46 19.63
CA LYS A 216 14.41 12.36 20.83
C LYS A 216 13.02 12.92 20.64
N ILE A 217 12.64 13.13 19.38
CA ILE A 217 11.33 13.67 19.04
C ILE A 217 10.76 12.81 17.93
N THR A 218 11.61 12.55 16.94
CA THR A 218 11.25 11.76 15.78
C THR A 218 11.54 10.27 15.91
N GLY A 219 12.76 9.94 16.28
CA GLY A 219 13.15 8.55 16.42
C GLY A 219 14.15 8.17 15.35
N LYS A 220 15.05 7.24 15.67
CA LYS A 220 16.08 6.82 14.72
C LYS A 220 15.55 6.60 13.31
N ALA A 221 14.45 5.85 13.19
CA ALA A 221 13.88 5.58 11.89
C ALA A 221 13.59 6.84 11.07
N LYS A 222 12.59 7.61 11.52
CA LYS A 222 12.19 8.83 10.83
C LYS A 222 13.23 9.95 10.79
N ALA A 223 14.17 9.94 11.73
CA ALA A 223 15.21 10.98 11.75
C ALA A 223 16.17 10.74 10.58
N LEU A 224 16.62 9.50 10.43
CA LEU A 224 17.52 9.14 9.34
C LEU A 224 16.81 9.39 8.02
N TYR A 225 15.53 9.06 7.98
CA TYR A 225 14.71 9.25 6.80
C TYR A 225 14.65 10.72 6.41
N LEU A 226 14.34 11.58 7.38
CA LEU A 226 14.25 13.01 7.12
C LEU A 226 15.59 13.63 6.75
N LEU A 227 16.64 13.24 7.46
CA LEU A 227 17.97 13.78 7.22
C LEU A 227 18.46 13.41 5.81
N LYS A 228 18.24 12.16 5.42
CA LYS A 228 18.65 11.71 4.10
C LYS A 228 17.80 12.40 3.04
N LEU A 229 16.49 12.43 3.29
CA LEU A 229 15.55 13.06 2.36
C LEU A 229 15.89 14.53 2.10
N ALA A 230 16.51 15.17 3.10
CA ALA A 230 16.88 16.58 2.95
C ALA A 230 18.16 16.70 2.13
N GLN A 231 18.70 15.56 1.70
CA GLN A 231 19.93 15.54 0.92
C GLN A 231 19.72 14.69 -0.33
N ASN A 232 18.55 14.05 -0.41
CA ASN A 232 18.19 13.20 -1.54
C ASN A 232 19.00 11.90 -1.56
N LYS A 233 19.51 11.50 -0.39
CA LYS A 233 20.28 10.27 -0.29
C LYS A 233 19.33 9.12 -0.03
N TYR A 234 18.04 9.36 -0.21
CA TYR A 234 17.02 8.34 0.02
C TYR A 234 16.51 7.84 -1.33
N SER A 235 17.45 7.49 -2.21
CA SER A 235 17.10 7.00 -3.55
C SER A 235 17.17 5.49 -3.66
N GLU A 236 16.13 4.83 -3.17
CA GLU A 236 16.04 3.37 -3.23
C GLU A 236 15.56 2.93 -4.61
N PRO A 237 16.17 1.88 -5.18
CA PRO A 237 15.78 1.39 -6.51
C PRO A 237 14.35 0.88 -6.53
N VAL A 238 13.77 0.83 -7.72
CA VAL A 238 12.41 0.34 -7.86
C VAL A 238 12.43 -1.18 -8.00
N GLU A 239 12.12 -1.86 -6.90
CA GLU A 239 12.09 -3.32 -6.87
C GLU A 239 10.94 -3.83 -7.72
N ASN A 240 11.16 -4.92 -8.43
CA ASN A 240 10.11 -5.50 -9.27
C ASN A 240 9.36 -6.53 -8.44
N LYS A 241 8.46 -6.06 -7.59
CA LYS A 241 7.69 -6.93 -6.71
C LYS A 241 6.30 -6.38 -6.41
N SER A 242 5.53 -7.14 -5.63
CA SER A 242 4.19 -6.75 -5.24
C SER A 242 4.03 -6.92 -3.74
N LYS A 243 3.50 -5.91 -3.08
CA LYS A 243 3.31 -5.96 -1.64
C LYS A 243 1.88 -6.27 -1.23
N ILE A 244 1.12 -6.82 -2.16
CA ILE A 244 -0.27 -7.18 -1.87
C ILE A 244 -0.33 -8.61 -1.35
N PRO A 245 -0.77 -8.79 -0.09
CA PRO A 245 -0.87 -10.10 0.56
C PRO A 245 -1.85 -11.05 -0.12
N HIS A 246 -1.64 -12.34 0.09
CA HIS A 246 -2.48 -13.38 -0.47
C HIS A 246 -2.35 -14.62 0.40
N GLY A 247 -3.49 -15.18 0.81
CA GLY A 247 -3.44 -16.36 1.65
C GLY A 247 -4.67 -17.23 1.64
N ARG A 248 -4.45 -18.54 1.68
CA ARG A 248 -5.55 -19.49 1.67
C ARG A 248 -5.69 -20.16 3.04
N TYR A 249 -6.90 -20.13 3.59
CA TYR A 249 -7.17 -20.73 4.89
C TYR A 249 -7.97 -22.01 4.72
N LEU A 250 -7.84 -22.93 5.66
CA LEU A 250 -8.56 -24.19 5.61
C LEU A 250 -9.01 -24.63 6.99
N THR A 251 -10.20 -25.23 7.06
CA THR A 251 -10.74 -25.71 8.32
C THR A 251 -10.46 -27.21 8.45
N LEU A 252 -9.96 -27.61 9.61
CA LEU A 252 -9.63 -29.00 9.87
C LEU A 252 -10.90 -29.85 10.06
N PRO A 253 -10.80 -31.17 9.85
CA PRO A 253 -11.96 -32.07 10.00
C PRO A 253 -12.52 -32.03 11.42
N TYR A 254 -11.76 -31.42 12.32
CA TYR A 254 -12.13 -31.27 13.72
C TYR A 254 -10.95 -30.54 14.34
N ASN A 255 -11.22 -29.60 15.23
CA ASN A 255 -10.15 -28.83 15.84
C ASN A 255 -9.35 -29.60 16.87
N THR A 256 -8.03 -29.59 16.69
CA THR A 256 -7.10 -30.27 17.59
C THR A 256 -5.77 -29.54 17.60
N ARG A 257 -4.76 -30.20 18.13
CA ARG A 257 -3.42 -29.64 18.19
C ARG A 257 -2.45 -30.70 17.71
N ASP A 258 -2.99 -31.72 17.03
CA ASP A 258 -2.20 -32.81 16.50
C ASP A 258 -1.55 -32.38 15.20
N VAL A 259 -0.23 -32.15 15.24
CA VAL A 259 0.52 -31.74 14.06
C VAL A 259 0.30 -32.69 12.89
N LYS A 260 0.15 -33.98 13.20
CA LYS A 260 -0.05 -35.00 12.18
C LYS A 260 -1.32 -34.75 11.36
N VAL A 261 -2.32 -34.15 12.00
CA VAL A 261 -3.59 -33.86 11.32
C VAL A 261 -3.59 -32.45 10.72
N ILE A 262 -3.07 -31.50 11.49
CA ILE A 262 -3.01 -30.10 11.06
C ILE A 262 -2.07 -29.89 9.88
N LEU A 263 -0.86 -30.41 9.99
CA LEU A 263 0.15 -30.24 8.95
C LEU A 263 -0.33 -30.55 7.54
N PRO A 264 -0.98 -31.72 7.33
CA PRO A 264 -1.47 -32.08 6.00
C PRO A 264 -2.28 -30.95 5.36
N TYR A 265 -3.10 -30.30 6.18
CA TYR A 265 -3.92 -29.19 5.70
C TYR A 265 -3.11 -27.92 5.55
N LEU A 266 -2.12 -27.74 6.42
CA LEU A 266 -1.27 -26.55 6.34
C LEU A 266 -0.52 -26.55 5.02
N LYS A 267 -0.15 -27.73 4.53
CA LYS A 267 0.56 -27.84 3.27
C LYS A 267 -0.37 -27.59 2.08
N LYS A 268 -1.64 -27.94 2.23
CA LYS A 268 -2.60 -27.72 1.16
C LYS A 268 -2.88 -26.21 1.06
N ALA A 269 -2.91 -25.56 2.22
CA ALA A 269 -3.14 -24.12 2.24
C ALA A 269 -1.97 -23.44 1.55
N ILE A 270 -0.78 -24.00 1.74
CA ILE A 270 0.42 -23.43 1.13
C ILE A 270 0.37 -23.57 -0.39
N ASN A 271 -0.01 -24.76 -0.85
CA ASN A 271 -0.10 -25.01 -2.29
C ASN A 271 -1.10 -24.08 -2.96
N GLU A 272 -2.28 -23.94 -2.37
CA GLU A 272 -3.30 -23.07 -2.93
C GLU A 272 -2.86 -21.61 -2.87
N ALA A 273 -2.17 -21.24 -1.79
CA ALA A 273 -1.70 -19.87 -1.66
C ALA A 273 -0.67 -19.55 -2.74
N TYR A 274 0.11 -20.56 -3.13
CA TYR A 274 1.14 -20.39 -4.15
C TYR A 274 0.58 -20.32 -5.56
N ASN A 275 -0.57 -20.97 -5.78
CA ASN A 275 -1.21 -20.97 -7.08
C ASN A 275 -1.82 -19.61 -7.41
N LYS A 276 -2.35 -18.93 -6.40
CA LYS A 276 -2.98 -17.63 -6.60
C LYS A 276 -1.97 -16.50 -6.46
N VAL A 277 -0.70 -16.80 -6.71
CA VAL A 277 0.37 -15.81 -6.60
C VAL A 277 1.24 -15.86 -7.86
N ASN A 278 1.69 -14.68 -8.30
CA ASN A 278 2.53 -14.58 -9.49
C ASN A 278 4.02 -14.48 -9.20
N GLY A 279 4.50 -15.25 -8.25
CA GLY A 279 5.93 -15.19 -7.94
C GLY A 279 6.32 -15.75 -6.59
N ILE A 280 7.62 -15.71 -6.31
CA ILE A 280 8.15 -16.21 -5.06
C ILE A 280 7.99 -15.22 -3.91
N PRO A 281 7.35 -15.66 -2.83
CA PRO A 281 7.12 -14.82 -1.65
C PRO A 281 8.42 -14.65 -0.88
N MET A 282 8.61 -13.49 -0.26
CA MET A 282 9.81 -13.25 0.54
C MET A 282 9.46 -13.35 2.01
N ARG A 283 8.19 -13.61 2.29
CA ARG A 283 7.72 -13.74 3.65
C ARG A 283 6.55 -14.72 3.69
N ILE A 284 6.50 -15.53 4.74
CA ILE A 284 5.44 -16.50 4.92
C ILE A 284 4.88 -16.38 6.33
N THR A 285 3.56 -16.33 6.43
CA THR A 285 2.94 -16.24 7.74
C THR A 285 1.93 -17.36 7.93
N VAL A 286 2.09 -18.09 9.03
CA VAL A 286 1.18 -19.18 9.35
C VAL A 286 0.12 -18.65 10.30
N ILE A 287 -1.13 -18.67 9.86
CA ILE A 287 -2.24 -18.20 10.69
C ILE A 287 -3.04 -19.38 11.20
N ALA A 288 -3.32 -19.37 12.49
CA ALA A 288 -4.09 -20.42 13.12
C ALA A 288 -5.34 -19.85 13.79
N ILE A 289 -6.51 -20.19 13.26
CA ILE A 289 -7.77 -19.71 13.80
C ILE A 289 -8.21 -20.70 14.89
N MET A 290 -8.02 -20.30 16.16
CA MET A 290 -8.30 -21.16 17.29
C MET A 290 -9.73 -21.24 17.76
N GLU A 291 -10.12 -22.43 18.19
CA GLU A 291 -11.47 -22.73 18.68
C GLU A 291 -12.38 -21.54 18.97
N ASP A 292 -11.87 -20.52 19.64
CA ASP A 292 -12.65 -19.33 19.94
C ASP A 292 -12.61 -18.32 18.80
N LEU A 293 -12.17 -18.78 17.63
CA LEU A 293 -12.08 -17.97 16.42
C LEU A 293 -11.09 -16.80 16.41
N ASP A 294 -10.36 -16.61 17.50
CA ASP A 294 -9.39 -15.51 17.53
C ASP A 294 -8.14 -15.91 16.74
N ILE A 295 -7.49 -14.92 16.15
CA ILE A 295 -6.29 -15.17 15.35
C ILE A 295 -5.02 -15.29 16.19
N LEU A 296 -4.11 -16.14 15.71
CA LEU A 296 -2.83 -16.37 16.36
C LEU A 296 -1.85 -16.75 15.27
N SER A 297 -0.99 -15.82 14.88
CA SER A 297 -0.04 -16.09 13.81
C SER A 297 1.42 -15.71 14.09
N LYS A 298 2.28 -16.11 13.16
CA LYS A 298 3.71 -15.85 13.21
C LYS A 298 4.25 -16.13 11.81
N GLY A 299 5.26 -15.38 11.39
CA GLY A 299 5.83 -15.60 10.07
C GLY A 299 7.32 -15.34 10.00
N LYS A 300 7.85 -15.35 8.78
CA LYS A 300 9.27 -15.12 8.56
C LYS A 300 9.53 -14.52 7.18
N LYS A 301 10.47 -13.57 7.13
CA LYS A 301 10.83 -12.91 5.89
C LYS A 301 12.22 -13.36 5.43
N PHE A 302 12.39 -13.54 4.13
CA PHE A 302 13.68 -13.98 3.56
C PHE A 302 14.15 -13.02 2.47
N LYS A 303 15.46 -12.97 2.25
CA LYS A 303 16.01 -12.10 1.23
C LYS A 303 15.60 -12.65 -0.14
N HIS A 304 16.08 -13.86 -0.44
CA HIS A 304 15.75 -14.53 -1.70
C HIS A 304 14.31 -15.01 -1.63
N GLY A 305 13.82 -15.56 -2.73
CA GLY A 305 12.45 -16.06 -2.76
C GLY A 305 12.34 -17.34 -1.95
N ILE A 306 11.12 -17.66 -1.50
CA ILE A 306 10.90 -18.86 -0.72
C ILE A 306 10.23 -19.96 -1.53
N SER A 307 11.01 -20.98 -1.89
CA SER A 307 10.49 -22.09 -2.68
C SER A 307 9.37 -22.81 -1.94
N ILE A 308 8.51 -23.49 -2.70
CA ILE A 308 7.39 -24.21 -2.12
C ILE A 308 7.87 -25.30 -1.17
N ASP A 309 9.00 -25.92 -1.50
CA ASP A 309 9.56 -26.97 -0.65
C ASP A 309 10.09 -26.39 0.65
N ASN A 310 10.57 -25.15 0.60
CA ASN A 310 11.08 -24.48 1.79
C ASN A 310 9.88 -24.02 2.61
N ALA A 311 8.81 -23.67 1.90
CA ALA A 311 7.58 -23.21 2.52
C ALA A 311 7.04 -24.27 3.48
N TYR A 312 7.06 -25.53 3.06
CA TYR A 312 6.58 -26.63 3.88
C TYR A 312 7.39 -26.72 5.17
N LYS A 313 8.71 -26.62 5.04
CA LYS A 313 9.61 -26.70 6.20
C LYS A 313 9.39 -25.52 7.14
N VAL A 314 9.56 -24.31 6.62
CA VAL A 314 9.39 -23.10 7.42
C VAL A 314 8.01 -23.07 8.07
N ALA A 315 6.98 -23.39 7.31
CA ALA A 315 5.61 -23.38 7.80
C ALA A 315 5.42 -24.34 8.98
N GLU A 316 5.96 -25.54 8.85
CA GLU A 316 5.85 -26.53 9.92
C GLU A 316 6.45 -26.04 11.22
N ASP A 317 7.62 -25.41 11.14
CA ASP A 317 8.28 -24.88 12.33
C ASP A 317 7.44 -23.76 12.94
N LEU A 318 6.87 -22.93 12.09
CA LEU A 318 6.03 -21.83 12.57
C LEU A 318 4.81 -22.40 13.28
N LEU A 319 4.28 -23.51 12.75
CA LEU A 319 3.12 -24.16 13.34
C LEU A 319 3.50 -24.73 14.70
N ARG A 320 4.69 -25.33 14.77
CA ARG A 320 5.19 -25.90 16.02
C ARG A 320 5.20 -24.82 17.08
N GLU A 321 5.95 -23.75 16.83
CA GLU A 321 6.07 -22.63 17.76
C GLU A 321 4.74 -22.15 18.30
N LEU A 322 3.80 -21.84 17.40
CA LEU A 322 2.48 -21.37 17.83
C LEU A 322 1.87 -22.32 18.86
N LEU A 323 2.12 -23.62 18.68
CA LEU A 323 1.61 -24.64 19.58
C LEU A 323 2.40 -24.70 20.89
N VAL A 324 3.65 -24.24 20.83
CA VAL A 324 4.52 -24.21 22.00
C VAL A 324 4.37 -22.83 22.64
N ARG A 325 3.35 -22.09 22.21
CA ARG A 325 3.07 -20.76 22.71
C ARG A 325 1.65 -20.66 23.25
N ASP A 326 0.80 -21.59 22.83
CA ASP A 326 -0.58 -21.61 23.27
C ASP A 326 -1.01 -23.04 23.60
N LYS A 327 -1.49 -23.24 24.82
CA LYS A 327 -1.94 -24.54 25.28
C LYS A 327 -3.46 -24.50 25.40
N ARG A 328 -4.08 -25.63 25.73
CA ARG A 328 -5.53 -25.70 25.85
C ARG A 328 -6.19 -24.78 24.84
N ARG A 329 -6.11 -25.17 23.57
CA ARG A 329 -6.70 -24.38 22.50
C ARG A 329 -6.47 -25.10 21.19
N ASN A 330 -7.42 -25.95 20.84
CA ASN A 330 -7.33 -26.70 19.60
C ASN A 330 -7.46 -25.72 18.45
N VAL A 331 -6.74 -25.99 17.36
CA VAL A 331 -6.79 -25.15 16.19
C VAL A 331 -8.02 -25.51 15.37
N ARG A 332 -8.85 -24.52 15.05
CA ARG A 332 -10.05 -24.79 14.27
C ARG A 332 -9.75 -24.65 12.78
N ARG A 333 -9.11 -23.54 12.42
CA ARG A 333 -8.74 -23.29 11.04
C ARG A 333 -7.25 -22.96 10.97
N ILE A 334 -6.65 -23.21 9.81
CA ILE A 334 -5.24 -22.91 9.62
C ILE A 334 -5.00 -22.47 8.19
N GLY A 335 -4.33 -21.34 8.03
CA GLY A 335 -4.05 -20.82 6.70
C GLY A 335 -2.63 -20.34 6.56
N VAL A 336 -2.35 -19.74 5.41
CA VAL A 336 -1.03 -19.21 5.12
C VAL A 336 -1.22 -17.87 4.43
N LYS A 337 -0.34 -16.91 4.72
CA LYS A 337 -0.43 -15.59 4.11
C LYS A 337 0.92 -15.23 3.51
N LEU A 338 0.99 -15.20 2.19
CA LEU A 338 2.22 -14.87 1.47
C LEU A 338 2.27 -13.40 1.10
N ASP A 339 3.45 -12.78 1.27
CA ASP A 339 3.63 -11.36 0.95
C ASP A 339 5.02 -11.09 0.38
N ASN A 340 5.19 -9.93 -0.25
CA ASN A 340 6.47 -9.53 -0.85
C ASN A 340 6.85 -10.44 -2.01
N ILE A 341 5.94 -10.53 -2.99
CA ILE A 341 6.17 -11.39 -4.15
C ILE A 341 7.12 -10.80 -5.19
N ILE A 342 8.21 -11.52 -5.45
CA ILE A 342 9.21 -11.13 -6.43
C ILE A 342 8.64 -11.48 -7.80
N ILE A 343 8.11 -10.49 -8.50
CA ILE A 343 7.52 -10.72 -9.81
C ILE A 343 8.52 -10.64 -10.96
N ASN A 344 8.08 -11.11 -12.13
CA ASN A 344 8.89 -11.11 -13.34
C ASN A 344 10.24 -11.82 -13.11
#